data_3COZ
#
_entry.id   3COZ
#
_cell.length_a   48.60
_cell.length_b   71.23
_cell.length_c   82.02
_cell.angle_alpha   90.00
_cell.angle_beta   99.56
_cell.angle_gamma   90.00
#
_symmetry.space_group_name_H-M   'P 1 21 1'
#
loop_
_entity.id
_entity.type
_entity.pdbx_description
1 polymer 'Pantothenate synthetase'
2 non-polymer 'SULFATE ION'
3 non-polymer "5'-O-(D-valylsulfamoyl)adenosine"
4 non-polymer GLYCEROL
5 non-polymer ETHANOL
6 water water
#
_entity_poly.entity_id   1
_entity_poly.type   'polypeptide(L)'
_entity_poly.pdbx_seq_one_letter_code
;AMAIPAFHPGELNVYSAPGDVADVSRALRLTGRRVMLVPTMGALHEGHLALVRAAKRVPGSVVVVSIFVNPMQFGAGGDL
DAYPRTPDDDLAQLRAEGVEIAFTPTTAAMYPDGLRTTVQPGPLAAELEGGPRPTHFAGVLTVVLKLLQIVRPDRVFFGE
KDYQQLVLIRQLVADFNLDVAVVGVPTVREADGLAMSSRNRYLDPAQRAAAVALSAALTAAAHAATAGAQAALDAARAVL
DAAPGVAVDYLELRDIGLGPMPLNGSGRLLVAARLGTTRLLDNIAIEIGTFAGTDRPDGYR
;
_entity_poly.pdbx_strand_id   A,B
#
# COMPACT_ATOMS: atom_id res chain seq x y z
N ILE A 4 -26.33 -3.08 -5.12
CA ILE A 4 -25.65 -2.66 -3.84
C ILE A 4 -26.52 -3.04 -2.61
N PRO A 5 -25.94 -2.98 -1.38
CA PRO A 5 -26.75 -3.19 -0.19
C PRO A 5 -27.56 -1.94 0.17
N ALA A 6 -28.47 -2.07 1.14
CA ALA A 6 -29.31 -0.96 1.57
C ALA A 6 -28.53 0.03 2.42
N PHE A 7 -28.82 1.32 2.23
CA PHE A 7 -28.35 2.38 3.12
C PHE A 7 -29.52 3.26 3.53
N HIS A 8 -29.80 3.30 4.83
CA HIS A 8 -30.83 4.18 5.39
C HIS A 8 -30.23 5.46 5.96
N PRO A 9 -30.44 6.61 5.28
CA PRO A 9 -29.88 7.86 5.80
C PRO A 9 -30.43 8.22 7.16
N GLY A 10 -29.60 8.90 7.95
CA GLY A 10 -29.99 9.35 9.29
C GLY A 10 -30.15 8.22 10.28
N GLU A 11 -29.70 7.03 9.88
CA GLU A 11 -29.74 5.82 10.68
C GLU A 11 -28.33 5.18 10.77
N LEU A 12 -28.07 4.35 11.79
CA LEU A 12 -26.80 3.62 11.80
C LEU A 12 -26.93 2.34 10.98
N ASN A 13 -26.10 2.28 9.93
CA ASN A 13 -26.00 1.12 9.04
C ASN A 13 -24.72 0.33 9.37
N VAL A 14 -24.89 -0.95 9.73
CA VAL A 14 -23.73 -1.78 10.09
C VAL A 14 -23.43 -2.77 8.96
N TYR A 15 -22.21 -2.70 8.39
CA TYR A 15 -21.76 -3.65 7.33
C TYR A 15 -20.55 -4.43 7.78
N SER A 16 -20.59 -5.73 7.54
CA SER A 16 -19.46 -6.60 7.82
C SER A 16 -18.61 -6.89 6.59
N ALA A 17 -19.25 -7.08 5.44
CA ALA A 17 -18.52 -7.43 4.24
C ALA A 17 -17.77 -6.21 3.63
N PRO A 18 -16.46 -6.36 3.34
CA PRO A 18 -15.80 -5.22 2.66
C PRO A 18 -16.50 -4.76 1.39
N GLY A 19 -16.91 -5.70 0.52
CA GLY A 19 -17.63 -5.39 -0.72
C GLY A 19 -18.86 -4.51 -0.49
N ASP A 20 -19.62 -4.81 0.58
CA ASP A 20 -20.80 -4.01 0.96
C ASP A 20 -20.50 -2.54 1.27
N VAL A 21 -19.59 -2.31 2.22
CA VAL A 21 -19.29 -0.95 2.61
C VAL A 21 -18.62 -0.23 1.44
N ALA A 22 -17.91 -0.97 0.59
CA ALA A 22 -17.26 -0.39 -0.58
C ALA A 22 -18.32 0.14 -1.58
N ASP A 23 -19.29 -0.70 -1.87
CA ASP A 23 -20.36 -0.35 -2.81
C ASP A 23 -21.19 0.81 -2.29
N VAL A 24 -21.56 0.76 -1.01
CA VAL A 24 -22.32 1.81 -0.37
C VAL A 24 -21.55 3.12 -0.36
N SER A 25 -20.25 3.07 -0.04
CA SER A 25 -19.42 4.28 -0.03
C SER A 25 -19.30 4.90 -1.43
N ARG A 26 -19.06 4.05 -2.41
CA ARG A 26 -18.92 4.44 -3.81
C ARG A 26 -20.22 5.11 -4.26
N ALA A 27 -21.35 4.46 -4.02
CA ALA A 27 -22.66 5.04 -4.31
C ALA A 27 -22.79 6.42 -3.69
N LEU A 28 -22.56 6.53 -2.38
CA LEU A 28 -22.69 7.83 -1.68
C LEU A 28 -21.80 8.92 -2.26
N ARG A 29 -20.59 8.55 -2.65
CA ARG A 29 -19.66 9.51 -3.20
C ARG A 29 -20.19 10.10 -4.51
N LEU A 30 -20.89 9.28 -5.29
CA LEU A 30 -21.48 9.73 -6.55
C LEU A 30 -22.71 10.62 -6.30
N THR A 31 -23.37 10.45 -5.16
CA THR A 31 -24.48 11.33 -4.79
C THR A 31 -23.98 12.63 -4.13
N GLY A 32 -22.68 12.90 -4.22
CA GLY A 32 -22.14 14.15 -3.70
C GLY A 32 -21.69 14.19 -2.25
N ARG A 33 -22.16 13.26 -1.41
CA ARG A 33 -21.76 13.22 -0.01
C ARG A 33 -20.26 12.95 0.07
N ARG A 34 -19.56 13.64 0.96
CA ARG A 34 -18.15 13.37 1.19
C ARG A 34 -17.99 12.34 2.31
N VAL A 35 -17.15 11.34 2.08
CA VAL A 35 -17.05 10.19 2.95
C VAL A 35 -15.90 10.38 3.94
N MET A 36 -16.23 10.31 5.23
CA MET A 36 -15.25 10.47 6.30
C MET A 36 -14.95 9.10 6.91
N LEU A 37 -13.68 8.82 7.16
CA LEU A 37 -13.37 7.53 7.78
C LEU A 37 -12.70 7.72 9.12
N VAL A 38 -13.25 7.08 10.15
CA VAL A 38 -12.66 7.04 11.49
C VAL A 38 -12.25 5.58 11.89
N PRO A 39 -10.98 5.21 11.67
CA PRO A 39 -10.59 3.84 12.00
C PRO A 39 -10.41 3.69 13.48
N THR A 40 -11.08 2.70 14.07
CA THR A 40 -10.93 2.38 15.51
C THR A 40 -10.80 0.87 15.74
N MET A 41 -10.36 0.51 16.95
CA MET A 41 -10.32 -0.89 17.38
C MET A 41 -11.45 -1.15 18.35
N GLY A 42 -12.44 -0.27 18.36
CA GLY A 42 -13.56 -0.42 19.29
C GLY A 42 -13.24 0.00 20.71
N ALA A 43 -14.10 -0.40 21.66
CA ALA A 43 -14.02 0.05 23.07
C ALA A 43 -13.98 1.58 23.10
N LEU A 44 -15.02 2.17 22.52
CA LEU A 44 -15.03 3.58 22.23
C LEU A 44 -15.21 4.40 23.50
N HIS A 45 -14.43 5.46 23.60
CA HIS A 45 -14.55 6.43 24.67
C HIS A 45 -14.57 7.85 24.09
N GLU A 46 -14.54 8.87 24.96
CA GLU A 46 -14.68 10.26 24.51
C GLU A 46 -13.61 10.73 23.53
N GLY A 47 -12.41 10.15 23.65
CA GLY A 47 -11.33 10.43 22.73
C GLY A 47 -11.69 9.99 21.31
N HIS A 48 -12.24 8.78 21.18
CA HIS A 48 -12.69 8.32 19.87
C HIS A 48 -13.83 9.19 19.35
N LEU A 49 -14.68 9.66 20.26
CA LEU A 49 -15.86 10.43 19.83
C LEU A 49 -15.52 11.83 19.33
N ALA A 50 -14.38 12.37 19.78
CA ALA A 50 -13.92 13.66 19.25
C ALA A 50 -13.54 13.55 17.77
N LEU A 51 -12.99 12.38 17.38
CA LEU A 51 -12.68 12.09 15.97
C LEU A 51 -14.00 11.99 15.22
N VAL A 52 -14.94 11.27 15.80
CA VAL A 52 -16.29 11.14 15.21
C VAL A 52 -16.94 12.50 14.96
N ARG A 53 -16.91 13.35 16.00
CA ARG A 53 -17.46 14.70 15.89
C ARG A 53 -16.70 15.59 14.92
N ALA A 54 -15.37 15.47 14.86
CA ALA A 54 -14.60 16.20 13.85
C ALA A 54 -15.03 15.80 12.44
N ALA A 55 -15.20 14.50 12.21
CA ALA A 55 -15.69 13.95 10.94
C ALA A 55 -17.09 14.48 10.63
N LYS A 56 -17.96 14.47 11.64
CA LYS A 56 -19.39 14.81 11.46
C LYS A 56 -19.59 16.25 11.05
N ARG A 57 -18.63 17.08 11.47
CA ARG A 57 -18.63 18.51 11.30
C ARG A 57 -18.34 18.94 9.85
N VAL A 58 -17.79 18.05 9.03
CA VAL A 58 -17.47 18.37 7.63
C VAL A 58 -18.76 18.37 6.81
N PRO A 59 -19.10 19.53 6.21
CA PRO A 59 -20.42 19.71 5.58
C PRO A 59 -20.77 18.65 4.53
N GLY A 60 -21.96 18.07 4.65
CA GLY A 60 -22.38 16.98 3.76
C GLY A 60 -21.62 15.66 3.95
N SER A 61 -20.93 15.52 5.08
CA SER A 61 -20.16 14.32 5.39
C SER A 61 -21.07 13.11 5.63
N VAL A 62 -20.65 11.94 5.15
CA VAL A 62 -21.17 10.70 5.72
C VAL A 62 -19.99 10.10 6.51
N VAL A 63 -20.26 9.66 7.75
CA VAL A 63 -19.20 9.18 8.62
C VAL A 63 -19.19 7.65 8.65
N VAL A 64 -18.05 7.09 8.29
CA VAL A 64 -17.79 5.67 8.42
C VAL A 64 -16.84 5.47 9.58
N VAL A 65 -17.26 4.65 10.55
CA VAL A 65 -16.39 4.28 11.64
C VAL A 65 -16.09 2.81 11.51
N SER A 66 -14.82 2.44 11.38
CA SER A 66 -14.52 1.02 11.31
C SER A 66 -14.14 0.56 12.69
N ILE A 67 -14.54 -0.65 13.01
CA ILE A 67 -14.16 -1.30 14.26
C ILE A 67 -13.58 -2.66 13.89
N PHE A 68 -12.31 -2.87 14.21
CA PHE A 68 -11.59 -4.08 13.85
C PHE A 68 -10.38 -4.14 14.73
N VAL A 69 -10.21 -5.28 15.40
CA VAL A 69 -9.05 -5.54 16.22
C VAL A 69 -8.16 -6.36 15.34
N ASN A 70 -7.04 -5.77 15.00
CA ASN A 70 -6.20 -6.23 13.93
C ASN A 70 -5.13 -7.12 14.50
N PRO A 71 -5.22 -8.45 14.23
CA PRO A 71 -4.20 -9.33 14.79
C PRO A 71 -2.75 -8.97 14.36
N MET A 72 -2.61 -8.33 13.19
CA MET A 72 -1.27 -8.07 12.63
C MET A 72 -0.40 -7.06 13.40
N GLN A 73 -1.04 -6.10 14.08
CA GLN A 73 -0.31 -5.03 14.77
C GLN A 73 0.06 -5.38 16.22
N PHE A 74 -0.48 -6.51 16.68
CA PHE A 74 -0.16 -7.06 18.00
C PHE A 74 1.04 -8.01 17.88
N GLY A 75 2.01 -7.86 18.77
CA GLY A 75 3.26 -8.61 18.66
C GLY A 75 3.75 -9.20 19.96
N ALA A 76 3.35 -10.44 20.21
CA ALA A 76 3.81 -11.26 21.35
C ALA A 76 2.67 -11.66 22.28
N GLY A 77 2.66 -12.94 22.61
CA GLY A 77 1.79 -13.50 23.65
C GLY A 77 0.30 -13.36 23.41
N GLY A 78 -0.33 -12.53 24.23
CA GLY A 78 -1.77 -12.33 24.17
C GLY A 78 -2.23 -10.88 24.35
N ASP A 79 -1.45 -9.94 23.83
CA ASP A 79 -1.92 -8.56 23.69
C ASP A 79 -3.26 -8.55 22.93
N LEU A 80 -3.38 -9.45 21.97
CA LEU A 80 -4.58 -9.62 21.14
C LEU A 80 -5.81 -10.04 21.98
N ASP A 81 -5.71 -11.19 22.64
CA ASP A 81 -6.77 -11.72 23.51
C ASP A 81 -7.10 -10.80 24.70
N ALA A 82 -6.14 -9.94 25.09
CA ALA A 82 -6.30 -8.96 26.20
C ALA A 82 -6.96 -7.62 25.83
N TYR A 83 -7.05 -7.34 24.53
CA TYR A 83 -7.65 -6.07 24.08
C TYR A 83 -9.14 -6.01 24.40
N PRO A 84 -9.60 -4.90 25.03
CA PRO A 84 -11.01 -4.78 25.47
C PRO A 84 -11.98 -4.76 24.30
N ARG A 85 -12.98 -5.63 24.35
CA ARG A 85 -13.98 -5.68 23.30
C ARG A 85 -15.38 -5.44 23.90
N THR A 86 -15.93 -4.26 23.65
CA THR A 86 -17.28 -3.91 24.12
C THR A 86 -18.19 -3.52 22.94
N PRO A 87 -18.56 -4.49 22.07
CA PRO A 87 -19.20 -4.20 20.77
C PRO A 87 -20.63 -3.63 20.83
N ASP A 88 -21.37 -3.98 21.89
CA ASP A 88 -22.74 -3.50 22.08
C ASP A 88 -22.75 -2.00 22.34
N ASP A 89 -22.00 -1.61 23.38
CA ASP A 89 -21.80 -0.23 23.72
C ASP A 89 -21.31 0.59 22.52
N ASP A 90 -20.32 0.05 21.77
CA ASP A 90 -19.75 0.78 20.64
C ASP A 90 -20.83 1.26 19.67
N LEU A 91 -21.70 0.36 19.20
CA LEU A 91 -22.74 0.75 18.24
C LEU A 91 -23.77 1.74 18.79
N ALA A 92 -24.09 1.61 20.08
CA ALA A 92 -24.98 2.57 20.75
C ALA A 92 -24.39 3.99 20.81
N GLN A 93 -23.11 4.11 21.14
CA GLN A 93 -22.44 5.41 21.08
C GLN A 93 -22.45 6.00 19.68
N LEU A 94 -22.18 5.17 18.66
CA LEU A 94 -22.24 5.65 17.29
C LEU A 94 -23.64 6.12 16.91
N ARG A 95 -24.67 5.38 17.34
CA ARG A 95 -26.07 5.81 17.12
C ARG A 95 -26.30 7.18 17.75
N ALA A 96 -25.93 7.32 19.03
CA ALA A 96 -26.05 8.57 19.77
C ALA A 96 -25.37 9.74 19.06
N GLU A 97 -24.24 9.47 18.41
CA GLU A 97 -23.49 10.51 17.69
C GLU A 97 -24.07 10.82 16.30
N GLY A 98 -25.09 10.07 15.87
CA GLY A 98 -25.66 10.23 14.54
C GLY A 98 -24.74 9.79 13.39
N VAL A 99 -23.87 8.81 13.66
CA VAL A 99 -23.03 8.17 12.63
C VAL A 99 -23.91 7.25 11.81
N GLU A 100 -23.74 7.28 10.49
CA GLU A 100 -24.59 6.50 9.61
C GLU A 100 -24.00 5.18 9.16
N ILE A 101 -22.69 5.01 9.33
CA ILE A 101 -22.06 3.74 8.93
C ILE A 101 -21.03 3.24 9.94
N ALA A 102 -21.23 2.00 10.42
CA ALA A 102 -20.20 1.20 11.08
C ALA A 102 -19.71 0.05 10.18
N PHE A 103 -18.39 -0.12 10.08
CA PHE A 103 -17.80 -1.19 9.26
C PHE A 103 -17.12 -2.13 10.22
N THR A 104 -17.61 -3.37 10.29
CA THR A 104 -17.14 -4.31 11.33
C THR A 104 -16.73 -5.64 10.65
N PRO A 105 -15.59 -5.65 9.91
CA PRO A 105 -15.19 -6.82 9.14
C PRO A 105 -14.70 -7.97 10.04
N THR A 106 -14.79 -9.19 9.53
CA THR A 106 -14.17 -10.35 10.20
C THR A 106 -12.68 -10.42 9.88
N THR A 107 -11.94 -11.17 10.71
CA THR A 107 -10.55 -11.49 10.45
C THR A 107 -10.37 -12.23 9.10
N ALA A 108 -11.25 -13.19 8.84
CA ALA A 108 -11.19 -13.97 7.58
C ALA A 108 -11.40 -13.07 6.37
N ALA A 109 -12.27 -12.07 6.50
CA ALA A 109 -12.55 -11.15 5.38
C ALA A 109 -11.41 -10.18 5.13
N MET A 110 -10.72 -9.75 6.20
CA MET A 110 -9.54 -8.88 6.05
C MET A 110 -8.25 -9.61 5.66
N TYR A 111 -8.11 -10.85 6.14
CA TYR A 111 -6.90 -11.65 5.96
C TYR A 111 -7.15 -13.04 5.38
N PRO A 112 -7.79 -13.10 4.17
CA PRO A 112 -8.14 -14.40 3.58
C PRO A 112 -6.91 -15.19 3.18
N ASP A 113 -5.77 -14.51 2.99
CA ASP A 113 -4.55 -15.19 2.59
C ASP A 113 -3.45 -15.08 3.65
N GLY A 114 -3.87 -14.80 4.89
CA GLY A 114 -2.92 -14.58 5.97
C GLY A 114 -2.12 -13.33 5.68
N LEU A 115 -0.88 -13.32 6.12
CA LEU A 115 -0.01 -12.20 5.88
C LEU A 115 0.77 -12.50 4.62
N ARG A 116 0.32 -11.91 3.53
CA ARG A 116 1.02 -12.08 2.24
C ARG A 116 1.65 -10.76 1.81
N THR A 117 0.97 -9.96 0.99
CA THR A 117 1.50 -8.63 0.67
C THR A 117 1.26 -7.72 1.91
N THR A 118 2.29 -6.98 2.35
CA THR A 118 2.17 -6.10 3.53
C THR A 118 2.85 -4.74 3.28
N VAL A 119 2.61 -3.78 4.16
CA VAL A 119 3.28 -2.46 4.02
C VAL A 119 4.54 -2.50 4.87
N GLN A 120 5.66 -2.05 4.32
CA GLN A 120 6.90 -1.92 5.08
C GLN A 120 7.12 -0.44 5.45
N PRO A 121 6.91 -0.05 6.72
CA PRO A 121 7.03 1.38 7.03
C PRO A 121 8.47 1.85 6.84
N GLY A 122 8.68 3.17 6.85
CA GLY A 122 10.06 3.73 6.93
C GLY A 122 10.72 3.49 8.29
N PRO A 123 11.97 3.98 8.46
CA PRO A 123 12.75 3.73 9.69
C PRO A 123 12.10 4.28 10.97
N LEU A 124 11.21 5.28 10.85
CA LEU A 124 10.52 5.80 12.04
C LEU A 124 9.80 4.67 12.79
N ALA A 125 9.37 3.64 12.06
CA ALA A 125 8.61 2.56 12.71
C ALA A 125 9.46 1.67 13.63
N ALA A 126 10.78 1.81 13.55
CA ALA A 126 11.70 1.04 14.42
C ALA A 126 12.02 1.73 15.75
N GLU A 127 11.52 2.95 15.91
CA GLU A 127 11.87 3.82 17.04
C GLU A 127 10.69 4.01 17.95
N LEU A 128 10.95 4.57 19.13
CA LEU A 128 9.90 4.86 20.13
C LEU A 128 9.06 3.62 20.40
N GLU A 129 7.75 3.67 20.10
CA GLU A 129 6.90 2.49 20.29
C GLU A 129 7.39 1.28 19.47
N GLY A 130 8.07 1.52 18.36
CA GLY A 130 8.49 0.43 17.49
C GLY A 130 9.72 -0.30 18.02
N GLY A 131 10.43 0.30 18.97
CA GLY A 131 11.69 -0.26 19.49
C GLY A 131 11.63 -1.71 19.91
N PRO A 132 10.81 -2.02 20.92
CA PRO A 132 10.53 -3.38 21.38
C PRO A 132 9.46 -4.13 20.58
N ARG A 133 8.88 -3.47 19.58
CA ARG A 133 7.77 -4.06 18.81
C ARG A 133 8.02 -3.72 17.34
N PRO A 134 9.07 -4.32 16.76
CA PRO A 134 9.58 -3.93 15.44
C PRO A 134 8.61 -4.20 14.27
N THR A 135 7.56 -4.99 14.52
CA THR A 135 6.52 -5.27 13.51
C THR A 135 5.18 -4.59 13.80
N HIS A 136 5.09 -3.84 14.91
CA HIS A 136 3.83 -3.20 15.25
C HIS A 136 3.30 -2.27 14.14
N PHE A 137 4.13 -1.35 13.64
CA PHE A 137 3.59 -0.34 12.72
C PHE A 137 3.33 -0.85 11.31
N ALA A 138 4.08 -1.88 10.91
CA ALA A 138 3.78 -2.60 9.66
C ALA A 138 2.32 -3.14 9.71
N GLY A 139 1.92 -3.69 10.86
CA GLY A 139 0.52 -4.14 11.08
C GLY A 139 -0.50 -3.02 10.91
N VAL A 140 -0.20 -1.90 11.55
CA VAL A 140 -1.07 -0.73 11.52
C VAL A 140 -1.20 -0.17 10.12
N LEU A 141 -0.08 0.09 9.46
CA LEU A 141 -0.15 0.72 8.13
C LEU A 141 -0.79 -0.22 7.11
N THR A 142 -0.60 -1.52 7.29
CA THR A 142 -1.19 -2.52 6.38
C THR A 142 -2.72 -2.45 6.55
N VAL A 143 -3.20 -2.50 7.80
CA VAL A 143 -4.64 -2.47 7.97
C VAL A 143 -5.24 -1.11 7.54
N VAL A 144 -4.57 -0.01 7.86
CA VAL A 144 -5.09 1.28 7.47
C VAL A 144 -5.11 1.44 5.93
N LEU A 145 -4.06 0.98 5.24
CA LEU A 145 -4.09 1.01 3.77
C LEU A 145 -5.32 0.25 3.26
N LYS A 146 -5.57 -0.93 3.82
CA LYS A 146 -6.70 -1.74 3.33
C LYS A 146 -8.01 -1.00 3.55
N LEU A 147 -8.20 -0.45 4.75
CA LEU A 147 -9.42 0.31 5.05
C LEU A 147 -9.60 1.48 4.11
N LEU A 148 -8.50 2.16 3.77
CA LEU A 148 -8.53 3.33 2.87
C LEU A 148 -8.97 2.93 1.46
N GLN A 149 -8.57 1.72 1.06
CA GLN A 149 -8.92 1.20 -0.27
C GLN A 149 -10.33 0.67 -0.32
N ILE A 150 -10.80 0.09 0.77
CA ILE A 150 -12.16 -0.45 0.85
C ILE A 150 -13.14 0.73 0.87
N VAL A 151 -12.89 1.68 1.79
CA VAL A 151 -13.84 2.76 2.06
C VAL A 151 -13.69 3.94 1.08
N ARG A 152 -12.47 4.15 0.60
CA ARG A 152 -12.13 5.33 -0.22
C ARG A 152 -12.63 6.68 0.32
N PRO A 153 -12.23 7.06 1.55
CA PRO A 153 -12.77 8.32 2.06
C PRO A 153 -12.08 9.54 1.45
N ASP A 154 -12.71 10.72 1.57
CA ASP A 154 -12.06 12.02 1.27
C ASP A 154 -11.10 12.43 2.36
N ARG A 155 -11.46 12.14 3.60
CA ARG A 155 -10.61 12.46 4.75
C ARG A 155 -10.61 11.30 5.75
N VAL A 156 -9.47 11.09 6.42
CA VAL A 156 -9.38 10.05 7.45
C VAL A 156 -8.88 10.68 8.75
N PHE A 157 -9.45 10.27 9.87
CA PHE A 157 -9.22 10.94 11.17
C PHE A 157 -8.40 10.08 12.15
N PHE A 158 -7.36 10.66 12.73
CA PHE A 158 -6.54 9.99 13.74
C PHE A 158 -6.27 10.92 14.92
N GLY A 159 -6.14 10.38 16.13
CA GLY A 159 -5.89 11.23 17.32
C GLY A 159 -4.43 11.57 17.50
N GLU A 160 -4.13 12.73 18.08
CA GLU A 160 -2.71 13.07 18.37
C GLU A 160 -2.17 12.23 19.53
N LYS A 161 -3.07 11.58 20.26
CA LYS A 161 -2.66 10.73 21.39
C LYS A 161 -1.67 9.68 20.90
N ASP A 162 -2.00 9.05 19.79
CA ASP A 162 -1.06 8.18 19.13
C ASP A 162 -0.31 8.94 18.05
N TYR A 163 0.58 9.83 18.47
CA TYR A 163 1.25 10.79 17.61
C TYR A 163 2.18 10.13 16.60
N GLN A 164 2.96 9.16 17.03
CA GLN A 164 3.83 8.42 16.11
C GLN A 164 3.04 7.67 15.04
N GLN A 165 1.92 7.09 15.44
CA GLN A 165 1.02 6.46 14.47
C GLN A 165 0.51 7.48 13.43
N LEU A 166 0.07 8.65 13.90
CA LEU A 166 -0.41 9.74 13.06
C LEU A 166 0.63 10.17 12.06
N VAL A 167 1.86 10.35 12.54
CA VAL A 167 2.96 10.70 11.65
C VAL A 167 3.21 9.62 10.56
N LEU A 168 3.32 8.37 10.98
CA LEU A 168 3.51 7.25 10.05
C LEU A 168 2.37 7.12 9.03
N ILE A 169 1.15 7.41 9.46
CA ILE A 169 0.02 7.42 8.53
C ILE A 169 0.18 8.53 7.50
N ARG A 170 0.63 9.72 7.92
CA ARG A 170 0.95 10.76 6.97
C ARG A 170 2.00 10.34 5.95
N GLN A 171 3.03 9.61 6.42
CA GLN A 171 4.06 9.10 5.50
C GLN A 171 3.47 8.11 4.51
N LEU A 172 2.60 7.25 5.01
CA LEU A 172 1.93 6.26 4.16
C LEU A 172 1.17 6.97 3.03
N VAL A 173 0.36 7.96 3.39
CA VAL A 173 -0.48 8.69 2.45
C VAL A 173 0.40 9.42 1.41
N ALA A 174 1.46 10.08 1.88
CA ALA A 174 2.42 10.75 0.99
C ALA A 174 3.15 9.79 0.08
N ASP A 175 3.71 8.73 0.66
CA ASP A 175 4.60 7.82 -0.05
C ASP A 175 3.90 6.93 -1.07
N PHE A 176 2.61 6.62 -0.86
CA PHE A 176 1.83 5.84 -1.84
C PHE A 176 0.86 6.68 -2.65
N ASN A 177 0.99 8.01 -2.56
CA ASN A 177 0.17 8.94 -3.34
C ASN A 177 -1.33 8.73 -3.10
N LEU A 178 -1.72 8.49 -1.84
CA LEU A 178 -3.13 8.20 -1.56
C LEU A 178 -3.96 9.46 -1.65
N ASP A 179 -5.15 9.33 -2.23
CA ASP A 179 -5.97 10.51 -2.47
C ASP A 179 -6.92 10.77 -1.30
N VAL A 180 -6.35 11.12 -0.14
CA VAL A 180 -7.11 11.24 1.10
C VAL A 180 -6.41 12.28 1.93
N ALA A 181 -7.18 13.10 2.64
CA ALA A 181 -6.62 14.06 3.59
C ALA A 181 -6.56 13.46 4.99
N VAL A 182 -5.42 13.56 5.63
CA VAL A 182 -5.27 13.02 6.96
C VAL A 182 -5.50 14.17 7.94
N VAL A 183 -6.45 13.98 8.88
CA VAL A 183 -6.82 14.99 9.87
C VAL A 183 -6.45 14.51 11.27
N GLY A 184 -5.53 15.22 11.92
CA GLY A 184 -5.15 14.90 13.30
C GLY A 184 -6.10 15.63 14.24
N VAL A 185 -6.56 14.95 15.29
CA VAL A 185 -7.51 15.55 16.21
C VAL A 185 -6.85 15.62 17.59
N PRO A 186 -6.95 16.79 18.29
CA PRO A 186 -6.25 16.95 19.58
C PRO A 186 -6.68 15.90 20.60
N THR A 187 -5.74 15.50 21.45
CA THR A 187 -6.00 14.49 22.50
C THR A 187 -7.08 14.90 23.51
N VAL A 188 -8.01 14.00 23.80
CA VAL A 188 -9.05 14.29 24.77
C VAL A 188 -8.57 13.80 26.14
N ARG A 189 -8.71 14.66 27.14
CA ARG A 189 -8.16 14.41 28.49
C ARG A 189 -9.23 14.35 29.58
N GLU A 190 -8.98 13.58 30.63
CA GLU A 190 -9.83 13.60 31.81
C GLU A 190 -9.70 14.97 32.46
N ALA A 191 -10.46 15.22 33.54
CA ALA A 191 -10.48 16.54 34.21
C ALA A 191 -9.12 16.99 34.76
N ASP A 192 -8.33 16.03 35.22
CA ASP A 192 -7.00 16.32 35.77
C ASP A 192 -5.87 16.36 34.73
N GLY A 193 -6.20 16.10 33.46
CA GLY A 193 -5.17 16.10 32.38
C GLY A 193 -4.81 14.73 31.81
N LEU A 194 -5.16 13.66 32.53
CA LEU A 194 -4.91 12.30 32.05
C LEU A 194 -5.45 12.08 30.63
N ALA A 195 -4.59 11.66 29.69
CA ALA A 195 -5.02 11.34 28.33
C ALA A 195 -5.98 10.17 28.37
N MET A 196 -7.15 10.33 27.77
CA MET A 196 -8.13 9.25 27.77
C MET A 196 -7.63 8.07 26.95
N SER A 197 -7.77 6.87 27.51
CA SER A 197 -7.36 5.66 26.82
C SER A 197 -8.17 4.51 27.39
N SER A 198 -8.41 3.51 26.55
CA SER A 198 -9.00 2.25 26.99
C SER A 198 -8.11 1.56 28.05
N ARG A 199 -6.79 1.66 27.89
CA ARG A 199 -5.84 1.14 28.89
C ARG A 199 -5.98 1.72 30.30
N ASN A 200 -6.59 2.90 30.43
CA ASN A 200 -6.76 3.53 31.76
C ASN A 200 -7.58 2.71 32.74
N ARG A 201 -8.35 1.75 32.23
CA ARG A 201 -9.23 0.94 33.09
C ARG A 201 -8.40 -0.09 33.86
N TYR A 202 -7.21 -0.40 33.34
CA TYR A 202 -6.28 -1.34 33.96
C TYR A 202 -5.53 -0.70 35.14
N LEU A 203 -5.87 0.56 35.42
CA LEU A 203 -5.29 1.32 36.55
C LEU A 203 -6.18 1.28 37.80
N ASP A 204 -5.65 0.76 38.89
CA ASP A 204 -6.32 0.84 40.19
C ASP A 204 -6.26 2.28 40.72
N PRO A 205 -6.98 2.58 41.83
CA PRO A 205 -7.10 3.96 42.33
C PRO A 205 -5.77 4.64 42.73
N ALA A 206 -4.77 3.86 43.09
CA ALA A 206 -3.45 4.40 43.39
C ALA A 206 -2.79 4.84 42.09
N GLN A 207 -2.64 3.88 41.18
CA GLN A 207 -2.08 4.09 39.85
C GLN A 207 -2.85 5.18 39.11
N ARG A 208 -4.17 5.19 39.24
CA ARG A 208 -4.95 6.23 38.58
C ARG A 208 -4.48 7.61 39.06
N ALA A 209 -4.19 7.71 40.37
CA ALA A 209 -3.75 8.98 40.96
C ALA A 209 -2.34 9.37 40.54
N ALA A 210 -1.45 8.39 40.45
CA ALA A 210 -0.06 8.61 40.04
C ALA A 210 0.02 9.01 38.56
N ALA A 211 -1.02 8.65 37.80
CA ALA A 211 -1.05 8.76 36.34
C ALA A 211 -1.15 10.21 35.82
N VAL A 212 -1.60 11.12 36.68
CA VAL A 212 -1.72 12.54 36.36
C VAL A 212 -0.34 13.11 36.01
N ALA A 213 0.68 12.42 36.48
CA ALA A 213 2.06 12.87 36.33
C ALA A 213 2.50 12.94 34.87
N LEU A 214 1.95 12.10 33.98
CA LEU A 214 2.45 12.14 32.64
C LEU A 214 2.10 13.50 32.04
N SER A 215 0.82 13.88 32.10
CA SER A 215 0.31 15.12 31.52
C SER A 215 0.87 16.33 32.30
N ALA A 216 0.99 16.20 33.63
CA ALA A 216 1.66 17.22 34.47
C ALA A 216 3.11 17.51 34.04
N ALA A 217 3.86 16.45 33.76
CA ALA A 217 5.26 16.56 33.37
C ALA A 217 5.31 17.26 31.99
N LEU A 218 4.43 16.82 31.09
CA LEU A 218 4.39 17.38 29.74
C LEU A 218 4.02 18.85 29.72
N THR A 219 2.96 19.21 30.43
CA THR A 219 2.52 20.62 30.48
C THR A 219 3.54 21.47 31.22
N ALA A 220 4.19 20.91 32.23
CA ALA A 220 5.28 21.64 32.89
C ALA A 220 6.38 21.92 31.88
N ALA A 221 6.82 20.87 31.17
CA ALA A 221 7.84 21.00 30.13
C ALA A 221 7.46 22.08 29.11
N ALA A 222 6.21 22.08 28.66
CA ALA A 222 5.75 23.02 27.62
C ALA A 222 5.92 24.47 28.04
N HIS A 223 5.78 24.74 29.35
CA HIS A 223 5.93 26.10 29.91
C HIS A 223 7.37 26.46 30.27
N ALA A 224 8.11 25.46 30.76
CA ALA A 224 9.56 25.59 31.01
C ALA A 224 10.33 25.90 29.72
N ALA A 225 9.76 25.46 28.60
CA ALA A 225 10.48 25.50 27.31
C ALA A 225 10.91 26.90 26.89
N THR A 226 10.34 27.96 27.46
CA THR A 226 10.84 29.33 27.20
C THR A 226 12.31 29.42 27.56
N ALA A 227 12.71 28.57 28.50
CA ALA A 227 14.07 28.56 29.01
C ALA A 227 14.98 27.62 28.22
N GLY A 228 14.42 26.97 27.21
CA GLY A 228 15.19 26.08 26.34
C GLY A 228 14.84 24.61 26.50
N ALA A 229 15.39 23.78 25.62
CA ALA A 229 15.12 22.35 25.59
C ALA A 229 15.58 21.60 26.84
N GLN A 230 16.76 21.90 27.37
CA GLN A 230 17.23 21.17 28.55
C GLN A 230 16.31 21.43 29.77
N ALA A 231 15.88 22.69 29.92
CA ALA A 231 14.97 23.07 30.99
C ALA A 231 13.63 22.33 30.83
N ALA A 232 13.13 22.26 29.59
CA ALA A 232 11.84 21.61 29.35
C ALA A 232 11.92 20.14 29.76
N LEU A 233 12.99 19.48 29.32
CA LEU A 233 13.20 18.05 29.61
C LEU A 233 13.41 17.76 31.09
N ASP A 234 14.20 18.62 31.74
CA ASP A 234 14.51 18.47 33.17
C ASP A 234 13.26 18.69 34.02
N ALA A 235 12.41 19.64 33.62
CA ALA A 235 11.13 19.87 34.33
C ALA A 235 10.23 18.64 34.27
N ALA A 236 10.10 18.04 33.08
CA ALA A 236 9.26 16.83 32.89
C ALA A 236 9.81 15.70 33.75
N ARG A 237 11.12 15.52 33.70
CA ARG A 237 11.76 14.42 34.40
C ARG A 237 11.56 14.55 35.90
N ALA A 238 11.65 15.79 36.42
CA ALA A 238 11.47 16.04 37.85
C ALA A 238 10.08 15.61 38.32
N VAL A 239 9.07 15.90 37.50
CA VAL A 239 7.68 15.59 37.81
C VAL A 239 7.52 14.07 37.79
N LEU A 240 8.09 13.42 36.77
CA LEU A 240 7.99 11.96 36.69
C LEU A 240 8.71 11.28 37.86
N ASP A 241 9.85 11.83 38.29
CA ASP A 241 10.59 11.32 39.45
C ASP A 241 9.88 11.56 40.79
N ALA A 242 9.03 12.59 40.87
CA ALA A 242 8.26 12.84 42.09
C ALA A 242 7.06 11.91 42.18
N ALA A 243 6.80 11.13 41.13
CA ALA A 243 5.57 10.32 41.02
C ALA A 243 5.74 8.88 41.46
N PRO A 244 4.94 8.47 42.46
CA PRO A 244 4.92 7.14 43.08
C PRO A 244 4.72 6.03 42.08
N GLY A 245 5.77 5.23 41.87
CA GLY A 245 5.64 4.02 41.04
C GLY A 245 5.20 4.29 39.62
N VAL A 246 5.88 5.23 38.98
CA VAL A 246 5.74 5.46 37.55
C VAL A 246 7.12 5.10 37.01
N ALA A 247 7.18 4.06 36.18
CA ALA A 247 8.46 3.68 35.55
C ALA A 247 8.55 4.19 34.11
N VAL A 248 9.38 5.19 33.87
CA VAL A 248 9.52 5.76 32.53
C VAL A 248 10.20 4.80 31.57
N ASP A 249 9.56 4.54 30.43
CA ASP A 249 10.19 3.81 29.30
C ASP A 249 11.04 4.77 28.47
N TYR A 250 10.39 5.80 27.93
CA TYR A 250 11.13 6.85 27.21
C TYR A 250 10.51 8.24 27.48
N LEU A 251 11.34 9.26 27.42
CA LEU A 251 10.88 10.65 27.42
C LEU A 251 11.76 11.38 26.43
N GLU A 252 11.15 11.81 25.32
CA GLU A 252 11.95 12.22 24.19
C GLU A 252 11.39 13.42 23.49
N LEU A 253 12.28 14.31 23.12
CA LEU A 253 11.89 15.55 22.50
C LEU A 253 12.31 15.51 21.03
N ARG A 254 11.33 15.61 20.15
CA ARG A 254 11.61 15.48 18.73
C ARG A 254 10.99 16.60 17.92
N ASP A 255 11.44 16.73 16.67
CA ASP A 255 10.79 17.64 15.74
C ASP A 255 9.35 17.14 15.47
N ILE A 256 8.48 17.96 14.90
CA ILE A 256 7.10 17.54 14.78
C ILE A 256 6.87 16.40 13.77
N GLY A 257 7.87 16.13 12.93
CA GLY A 257 7.79 15.02 11.99
C GLY A 257 8.42 13.79 12.60
N LEU A 258 8.85 13.92 13.86
CA LEU A 258 9.51 12.88 14.66
C LEU A 258 10.92 12.56 14.19
N GLY A 259 11.49 13.50 13.43
CA GLY A 259 12.94 13.62 13.27
C GLY A 259 13.58 14.20 14.53
N PRO A 260 14.79 14.76 14.40
CA PRO A 260 15.69 14.85 15.54
C PRO A 260 15.68 16.19 16.31
N MET A 261 14.53 16.88 16.30
CA MET A 261 14.44 18.27 16.78
C MET A 261 15.18 19.26 15.88
N PRO A 262 14.59 20.46 15.67
CA PRO A 262 15.41 21.56 15.19
C PRO A 262 16.35 22.00 16.30
N LEU A 263 17.11 23.06 16.04
CA LEU A 263 17.91 23.70 17.07
C LEU A 263 17.02 24.07 18.26
N ASN A 264 16.19 25.10 18.09
CA ASN A 264 15.29 25.54 19.15
C ASN A 264 13.89 25.86 18.62
N GLY A 265 13.35 25.04 17.71
CA GLY A 265 12.10 25.40 17.03
C GLY A 265 10.78 24.95 17.66
N SER A 266 9.97 24.29 16.86
CA SER A 266 8.75 23.64 17.31
C SER A 266 9.00 22.15 17.35
N GLY A 267 8.38 21.48 18.31
CA GLY A 267 8.66 20.07 18.54
C GLY A 267 7.54 19.34 19.25
N ARG A 268 7.79 18.09 19.56
CA ARG A 268 6.83 17.26 20.24
C ARG A 268 7.61 16.56 21.30
N LEU A 269 7.08 16.61 22.53
CA LEU A 269 7.63 15.88 23.64
C LEU A 269 6.76 14.63 23.85
N LEU A 270 7.38 13.46 23.82
CA LEU A 270 6.65 12.20 23.95
C LEU A 270 7.13 11.41 25.16
N VAL A 271 6.20 10.81 25.87
CA VAL A 271 6.55 9.96 27.01
C VAL A 271 5.76 8.64 26.95
N ALA A 272 6.40 7.58 27.42
CA ALA A 272 5.76 6.30 27.64
C ALA A 272 6.18 5.86 29.03
N ALA A 273 5.21 5.44 29.85
CA ALA A 273 5.52 5.03 31.23
C ALA A 273 4.68 3.84 31.66
N ARG A 274 5.20 3.03 32.57
CA ARG A 274 4.44 1.89 33.10
C ARG A 274 3.95 2.16 34.51
N LEU A 275 2.68 1.88 34.72
CA LEU A 275 2.12 1.83 36.07
C LEU A 275 1.69 0.39 36.35
N GLY A 276 2.54 -0.34 37.09
CA GLY A 276 2.36 -1.78 37.25
C GLY A 276 2.52 -2.49 35.92
N THR A 277 1.45 -3.10 35.44
CA THR A 277 1.47 -3.75 34.12
C THR A 277 1.02 -2.83 32.96
N THR A 278 0.38 -1.72 33.30
CA THR A 278 -0.25 -0.82 32.33
C THR A 278 0.68 0.22 31.75
N ARG A 279 0.90 0.14 30.44
CA ARG A 279 1.77 1.09 29.76
C ARG A 279 0.92 2.26 29.23
N LEU A 280 1.27 3.47 29.67
CA LEU A 280 0.56 4.69 29.24
C LEU A 280 1.46 5.55 28.35
N LEU A 281 0.81 6.26 27.44
CA LEU A 281 1.49 7.12 26.47
C LEU A 281 0.90 8.51 26.59
N ASP A 282 1.72 9.53 26.39
CA ASP A 282 1.19 10.89 26.22
C ASP A 282 2.19 11.72 25.39
N ASN A 283 1.73 12.82 24.82
CA ASN A 283 2.65 13.71 24.12
C ASN A 283 2.06 15.10 24.08
N ILE A 284 2.89 16.08 23.74
CA ILE A 284 2.44 17.43 23.72
C ILE A 284 3.29 18.25 22.74
N ALA A 285 2.66 19.25 22.12
CA ALA A 285 3.36 20.29 21.37
C ALA A 285 4.26 21.08 22.29
N ILE A 286 5.47 21.35 21.82
CA ILE A 286 6.46 22.11 22.57
C ILE A 286 7.02 23.20 21.62
N GLU A 287 7.13 24.42 22.13
CA GLU A 287 7.77 25.52 21.43
C GLU A 287 8.98 25.96 22.22
N ILE A 288 10.15 25.87 21.63
CA ILE A 288 11.38 26.23 22.32
C ILE A 288 11.68 27.74 22.17
N GLY A 289 11.91 28.41 23.30
CA GLY A 289 12.18 29.85 23.35
C GLY A 289 11.00 30.76 22.98
N THR A 290 9.77 30.31 23.24
CA THR A 290 8.56 31.06 22.84
C THR A 290 7.45 30.96 23.89
N PHE A 291 7.06 32.12 24.42
CA PHE A 291 6.06 32.26 25.50
C PHE A 291 4.64 31.96 25.02
N ALA B 3 -8.56 24.26 -10.69
CA ALA B 3 -8.54 24.21 -12.17
C ALA B 3 -7.84 22.94 -12.65
N ILE B 4 -8.38 22.34 -13.71
CA ILE B 4 -7.86 21.08 -14.27
C ILE B 4 -6.92 21.39 -15.45
N PRO B 5 -5.78 20.67 -15.54
CA PRO B 5 -4.85 20.92 -16.67
C PRO B 5 -5.53 20.73 -18.03
N ALA B 6 -4.97 21.37 -19.06
CA ALA B 6 -5.45 21.22 -20.42
C ALA B 6 -5.44 19.76 -20.88
N PHE B 7 -6.55 19.31 -21.46
CA PHE B 7 -6.63 18.01 -22.14
C PHE B 7 -7.24 18.18 -23.51
N HIS B 8 -6.50 17.83 -24.56
CA HIS B 8 -6.96 17.90 -25.95
C HIS B 8 -7.30 16.50 -26.45
N PRO B 9 -8.61 16.19 -26.58
CA PRO B 9 -9.04 14.86 -27.04
C PRO B 9 -8.48 14.50 -28.41
N GLY B 10 -8.18 13.22 -28.61
CA GLY B 10 -7.63 12.73 -29.87
C GLY B 10 -6.20 13.14 -30.19
N GLU B 11 -5.56 13.80 -29.23
CA GLU B 11 -4.14 14.15 -29.34
C GLU B 11 -3.38 13.43 -28.23
N LEU B 12 -2.07 13.26 -28.38
CA LEU B 12 -1.25 12.81 -27.26
C LEU B 12 -0.95 13.95 -26.30
N ASN B 13 -1.45 13.83 -25.07
CA ASN B 13 -1.22 14.81 -24.03
C ASN B 13 -0.18 14.22 -23.09
N VAL B 14 0.91 14.95 -22.88
CA VAL B 14 2.02 14.47 -22.06
C VAL B 14 2.02 15.25 -20.74
N TYR B 15 1.96 14.53 -19.61
CA TYR B 15 2.06 15.12 -18.27
C TYR B 15 3.22 14.52 -17.50
N SER B 16 3.99 15.37 -16.82
CA SER B 16 5.11 14.91 -15.99
C SER B 16 4.81 14.94 -14.50
N ALA B 17 3.85 15.77 -14.11
CA ALA B 17 3.52 15.95 -12.69
C ALA B 17 2.40 15.01 -12.29
N PRO B 18 2.63 14.18 -11.23
CA PRO B 18 1.60 13.29 -10.75
C PRO B 18 0.25 13.97 -10.50
N GLY B 19 0.22 15.15 -9.89
CA GLY B 19 -1.06 15.83 -9.61
C GLY B 19 -1.79 16.17 -10.90
N ASP B 20 -1.04 16.56 -11.93
CA ASP B 20 -1.63 16.85 -13.24
C ASP B 20 -2.36 15.65 -13.89
N VAL B 21 -1.67 14.52 -14.00
CA VAL B 21 -2.33 13.37 -14.59
C VAL B 21 -3.46 12.87 -13.65
N ALA B 22 -3.27 13.04 -12.34
CA ALA B 22 -4.32 12.69 -11.37
C ALA B 22 -5.60 13.53 -11.61
N ASP B 23 -5.43 14.85 -11.77
CA ASP B 23 -6.54 15.78 -12.02
C ASP B 23 -7.25 15.47 -13.34
N VAL B 24 -6.47 15.23 -14.38
CA VAL B 24 -7.00 14.94 -15.70
C VAL B 24 -7.74 13.58 -15.72
N SER B 25 -7.14 12.56 -15.11
CA SER B 25 -7.76 11.25 -15.07
C SER B 25 -9.10 11.34 -14.34
N ARG B 26 -9.12 12.04 -13.20
CA ARG B 26 -10.35 12.27 -12.42
C ARG B 26 -11.42 13.00 -13.24
N ALA B 27 -11.05 14.11 -13.89
CA ALA B 27 -12.01 14.84 -14.76
C ALA B 27 -12.59 13.96 -15.87
N LEU B 28 -11.73 13.19 -16.53
CA LEU B 28 -12.16 12.34 -17.63
C LEU B 28 -13.12 11.25 -17.16
N ARG B 29 -12.81 10.58 -16.05
N ARG B 29 -12.77 10.65 -16.01
CA ARG B 29 -13.75 9.56 -15.60
CA ARG B 29 -13.55 9.63 -15.29
C ARG B 29 -15.12 10.19 -15.36
C ARG B 29 -14.97 10.10 -14.89
N LEU B 30 -15.15 11.41 -14.83
CA LEU B 30 -16.44 12.06 -14.52
C LEU B 30 -17.26 12.37 -15.79
N THR B 31 -16.58 12.41 -16.93
CA THR B 31 -17.21 12.69 -18.22
C THR B 31 -17.56 11.43 -19.00
N GLY B 32 -17.62 10.29 -18.30
CA GLY B 32 -17.94 9.02 -18.92
C GLY B 32 -16.83 8.33 -19.71
N ARG B 33 -15.57 8.52 -19.31
CA ARG B 33 -14.48 7.75 -19.91
C ARG B 33 -14.06 6.66 -18.95
N ARG B 34 -13.54 5.55 -19.49
CA ARG B 34 -12.97 4.48 -18.67
C ARG B 34 -11.44 4.55 -18.78
N VAL B 35 -10.78 4.81 -17.66
CA VAL B 35 -9.32 5.06 -17.66
C VAL B 35 -8.53 3.74 -17.63
N MET B 36 -7.73 3.51 -18.67
CA MET B 36 -6.96 2.28 -18.80
C MET B 36 -5.50 2.67 -18.54
N LEU B 37 -4.79 1.90 -17.73
CA LEU B 37 -3.39 2.22 -17.43
C LEU B 37 -2.45 1.16 -17.96
N VAL B 38 -1.44 1.60 -18.73
CA VAL B 38 -0.44 0.68 -19.26
C VAL B 38 0.97 1.12 -18.78
N PRO B 39 1.45 0.52 -17.66
CA PRO B 39 2.79 0.88 -17.13
C PRO B 39 3.95 0.33 -17.94
N THR B 40 4.89 1.20 -18.31
CA THR B 40 6.05 0.77 -19.08
C THR B 40 7.29 1.51 -18.60
N MET B 41 8.44 1.01 -19.02
CA MET B 41 9.70 1.72 -18.78
C MET B 41 10.23 2.37 -20.06
N GLY B 42 9.34 2.60 -21.04
CA GLY B 42 9.73 3.22 -22.31
C GLY B 42 10.51 2.25 -23.20
N ALA B 43 11.15 2.76 -24.25
CA ALA B 43 11.86 1.91 -25.21
C ALA B 43 10.85 0.90 -25.76
N LEU B 44 9.73 1.43 -26.25
CA LEU B 44 8.57 0.62 -26.62
C LEU B 44 8.75 -0.20 -27.88
N HIS B 45 8.31 -1.47 -27.82
CA HIS B 45 8.27 -2.33 -28.98
C HIS B 45 6.90 -2.95 -29.11
N GLU B 46 6.73 -3.82 -30.11
CA GLU B 46 5.43 -4.41 -30.38
C GLU B 46 4.82 -5.14 -29.18
N GLY B 47 5.67 -5.66 -28.31
CA GLY B 47 5.16 -6.33 -27.10
C GLY B 47 4.43 -5.32 -26.23
N HIS B 48 4.99 -4.12 -26.06
CA HIS B 48 4.30 -3.08 -25.27
C HIS B 48 3.06 -2.58 -25.99
N LEU B 49 3.13 -2.42 -27.31
CA LEU B 49 1.97 -1.93 -28.05
C LEU B 49 0.78 -2.88 -28.01
N ALA B 50 1.03 -4.18 -27.82
CA ALA B 50 -0.09 -5.10 -27.63
C ALA B 50 -0.90 -4.77 -26.40
N LEU B 51 -0.22 -4.29 -25.35
CA LEU B 51 -0.90 -3.82 -24.13
C LEU B 51 -1.74 -2.59 -24.47
N VAL B 52 -1.15 -1.68 -25.21
CA VAL B 52 -1.85 -0.48 -25.65
C VAL B 52 -3.12 -0.83 -26.42
N ARG B 53 -3.00 -1.76 -27.39
CA ARG B 53 -4.13 -2.11 -28.25
C ARG B 53 -5.26 -2.78 -27.47
N ALA B 54 -4.89 -3.63 -26.51
CA ALA B 54 -5.86 -4.21 -25.58
C ALA B 54 -6.60 -3.11 -24.81
N ALA B 55 -5.87 -2.13 -24.29
CA ALA B 55 -6.49 -1.02 -23.55
C ALA B 55 -7.41 -0.18 -24.43
N LYS B 56 -6.95 0.11 -25.65
CA LYS B 56 -7.74 0.89 -26.60
C LYS B 56 -9.11 0.30 -26.92
N ARG B 57 -9.19 -1.01 -27.08
CA ARG B 57 -10.47 -1.60 -27.50
C ARG B 57 -11.59 -1.65 -26.44
N VAL B 58 -11.30 -1.22 -25.22
CA VAL B 58 -12.37 -1.09 -24.22
C VAL B 58 -13.25 0.12 -24.62
N PRO B 59 -14.57 -0.11 -24.81
CA PRO B 59 -15.45 1.02 -25.16
C PRO B 59 -15.40 2.15 -24.15
N GLY B 60 -15.22 3.36 -24.63
CA GLY B 60 -15.12 4.53 -23.77
C GLY B 60 -13.73 4.77 -23.19
N SER B 61 -12.76 3.95 -23.58
CA SER B 61 -11.43 3.99 -22.96
C SER B 61 -10.74 5.30 -23.25
N VAL B 62 -10.03 5.82 -22.25
CA VAL B 62 -8.93 6.73 -22.50
C VAL B 62 -7.65 6.03 -22.00
N VAL B 63 -6.62 5.98 -22.85
CA VAL B 63 -5.43 5.21 -22.48
C VAL B 63 -4.35 6.08 -21.81
N VAL B 64 -3.91 5.65 -20.63
CA VAL B 64 -2.77 6.29 -19.99
C VAL B 64 -1.59 5.32 -20.07
N VAL B 65 -0.51 5.75 -20.70
CA VAL B 65 0.72 4.96 -20.74
C VAL B 65 1.73 5.65 -19.84
N SER B 66 2.20 4.99 -18.78
CA SER B 66 3.25 5.61 -17.99
C SER B 66 4.59 5.17 -18.53
N ILE B 67 5.55 6.08 -18.47
CA ILE B 67 6.92 5.78 -18.86
C ILE B 67 7.77 6.28 -17.73
N PHE B 68 8.39 5.35 -17.01
CA PHE B 68 9.14 5.69 -15.84
C PHE B 68 10.13 4.60 -15.57
N VAL B 69 11.41 4.96 -15.47
CA VAL B 69 12.41 3.97 -15.11
C VAL B 69 12.59 3.96 -13.62
N ASN B 70 12.21 2.84 -13.01
CA ASN B 70 12.24 2.66 -11.56
C ASN B 70 13.67 2.37 -11.12
N PRO B 71 14.24 3.24 -10.25
CA PRO B 71 15.56 2.96 -9.71
C PRO B 71 15.53 1.89 -8.60
N MET B 72 14.32 1.60 -8.11
CA MET B 72 14.09 0.64 -7.02
C MET B 72 13.99 -0.82 -7.51
N GLN B 73 13.46 -1.01 -8.72
CA GLN B 73 13.42 -2.33 -9.38
C GLN B 73 14.64 -2.55 -10.26
N TYR B 83 21.88 0.46 -21.16
CA TYR B 83 20.46 0.64 -20.88
C TYR B 83 19.97 1.99 -21.43
N PRO B 84 19.59 2.03 -22.73
CA PRO B 84 19.26 3.28 -23.42
C PRO B 84 17.78 3.72 -23.30
N ARG B 85 17.51 4.95 -23.75
CA ARG B 85 16.17 5.56 -23.70
C ARG B 85 15.91 6.42 -24.95
N THR B 86 14.68 6.35 -25.47
CA THR B 86 14.26 7.17 -26.62
C THR B 86 12.92 7.86 -26.36
N PRO B 87 12.92 8.96 -25.56
CA PRO B 87 11.65 9.62 -25.18
C PRO B 87 10.82 10.04 -26.40
N ASP B 88 11.45 10.72 -27.34
CA ASP B 88 10.76 11.21 -28.54
C ASP B 88 10.20 10.09 -29.43
N ASP B 89 10.97 9.01 -29.62
CA ASP B 89 10.48 7.86 -30.40
C ASP B 89 9.30 7.13 -29.71
N ASP B 90 9.39 6.96 -28.40
CA ASP B 90 8.32 6.35 -27.60
C ASP B 90 7.04 7.16 -27.77
N LEU B 91 7.12 8.46 -27.53
CA LEU B 91 5.98 9.35 -27.71
C LEU B 91 5.41 9.29 -29.15
N ALA B 92 6.29 9.27 -30.14
CA ALA B 92 5.90 9.03 -31.54
C ALA B 92 5.11 7.75 -31.74
N GLN B 93 5.58 6.64 -31.18
CA GLN B 93 4.81 5.38 -31.26
C GLN B 93 3.42 5.47 -30.61
N LEU B 94 3.34 6.16 -29.48
CA LEU B 94 2.07 6.28 -28.76
C LEU B 94 1.09 7.15 -29.57
N ARG B 95 1.61 8.24 -30.12
CA ARG B 95 0.85 9.08 -31.03
C ARG B 95 0.27 8.24 -32.16
N ALA B 96 1.10 7.39 -32.75
CA ALA B 96 0.66 6.55 -33.87
C ALA B 96 -0.36 5.49 -33.44
N GLU B 97 -0.35 5.11 -32.16
CA GLU B 97 -1.35 4.17 -31.64
C GLU B 97 -2.65 4.89 -31.26
N GLY B 98 -2.63 6.22 -31.20
CA GLY B 98 -3.82 6.98 -30.80
C GLY B 98 -4.04 7.06 -29.29
N VAL B 99 -2.96 6.92 -28.54
CA VAL B 99 -3.00 7.03 -27.08
C VAL B 99 -3.16 8.50 -26.76
N GLU B 100 -4.01 8.82 -25.78
CA GLU B 100 -4.28 10.22 -25.46
C GLU B 100 -3.46 10.77 -24.31
N ILE B 101 -2.91 9.90 -23.46
CA ILE B 101 -2.14 10.39 -22.32
C ILE B 101 -0.88 9.55 -22.11
N ALA B 102 0.26 10.24 -22.03
CA ALA B 102 1.51 9.68 -21.56
C ALA B 102 1.89 10.34 -20.26
N PHE B 103 2.27 9.53 -19.26
CA PHE B 103 2.67 10.06 -17.97
C PHE B 103 4.16 9.76 -17.79
N THR B 104 4.97 10.81 -17.69
CA THR B 104 6.42 10.72 -17.79
C THR B 104 7.06 11.45 -16.62
N PRO B 105 6.89 10.92 -15.40
CA PRO B 105 7.37 11.66 -14.22
C PRO B 105 8.88 11.54 -14.07
N THR B 106 9.48 12.43 -13.26
CA THR B 106 10.87 12.27 -12.83
C THR B 106 10.95 11.38 -11.62
N THR B 107 12.16 10.91 -11.32
CA THR B 107 12.39 10.13 -10.12
C THR B 107 12.08 10.96 -8.88
N ALA B 108 12.43 12.25 -8.93
CA ALA B 108 12.18 13.10 -7.79
C ALA B 108 10.67 13.35 -7.57
N ALA B 109 9.87 13.39 -8.65
CA ALA B 109 8.42 13.56 -8.50
C ALA B 109 7.79 12.31 -7.90
N MET B 110 8.29 11.14 -8.29
CA MET B 110 7.81 9.82 -7.81
C MET B 110 8.31 9.53 -6.40
N TYR B 111 9.52 9.96 -6.10
CA TYR B 111 10.12 9.66 -4.82
C TYR B 111 10.59 10.95 -4.11
N PRO B 112 9.67 11.90 -3.85
CA PRO B 112 10.10 13.19 -3.25
C PRO B 112 10.71 13.07 -1.86
N ASP B 113 10.43 11.98 -1.15
CA ASP B 113 11.01 11.78 0.17
C ASP B 113 11.98 10.62 0.19
N GLY B 114 12.48 10.23 -0.98
CA GLY B 114 13.32 9.02 -1.08
C GLY B 114 12.49 7.77 -0.90
N LEU B 115 13.16 6.65 -0.64
CA LEU B 115 12.50 5.40 -0.32
C LEU B 115 12.16 5.35 1.17
N ARG B 116 10.87 5.46 1.47
CA ARG B 116 10.46 5.49 2.85
C ARG B 116 9.49 4.33 3.06
N THR B 117 8.18 4.59 3.01
CA THR B 117 7.20 3.45 3.06
C THR B 117 7.32 2.65 1.75
N THR B 118 7.29 1.32 1.82
CA THR B 118 7.36 0.48 0.62
C THR B 118 6.44 -0.72 0.75
N VAL B 119 6.18 -1.39 -0.36
CA VAL B 119 5.42 -2.63 -0.36
C VAL B 119 6.38 -3.80 -0.13
N GLN B 120 6.02 -4.65 0.81
CA GLN B 120 6.72 -5.90 1.05
C GLN B 120 5.85 -7.02 0.44
N PRO B 121 6.31 -7.62 -0.68
CA PRO B 121 5.56 -8.69 -1.31
C PRO B 121 5.55 -9.92 -0.45
N GLY B 122 4.65 -10.84 -0.75
CA GLY B 122 4.67 -12.17 -0.13
C GLY B 122 5.86 -12.99 -0.61
N PRO B 123 5.99 -14.20 -0.09
CA PRO B 123 7.16 -15.09 -0.29
C PRO B 123 7.44 -15.54 -1.75
N LEU B 124 6.45 -15.44 -2.63
CA LEU B 124 6.68 -15.71 -4.07
C LEU B 124 7.74 -14.77 -4.65
N ALA B 125 7.81 -13.55 -4.11
CA ALA B 125 8.84 -12.58 -4.49
C ALA B 125 10.28 -13.07 -4.28
N ALA B 126 10.49 -14.07 -3.42
CA ALA B 126 11.82 -14.65 -3.15
C ALA B 126 12.19 -15.78 -4.11
N GLU B 127 11.21 -16.20 -4.92
CA GLU B 127 11.36 -17.33 -5.82
C GLU B 127 11.65 -16.92 -7.25
N LEU B 128 12.12 -17.91 -8.03
CA LEU B 128 12.30 -17.79 -9.47
C LEU B 128 13.09 -16.54 -9.76
N GLU B 129 12.48 -15.48 -10.31
CA GLU B 129 13.21 -14.24 -10.63
C GLU B 129 13.75 -13.53 -9.39
N GLY B 130 13.13 -13.78 -8.26
CA GLY B 130 13.59 -13.23 -6.98
C GLY B 130 14.79 -13.93 -6.38
N GLY B 131 15.22 -15.03 -6.98
CA GLY B 131 16.49 -15.68 -6.64
C GLY B 131 17.70 -14.76 -6.82
N PRO B 132 18.11 -14.51 -8.08
CA PRO B 132 19.16 -13.50 -8.33
C PRO B 132 18.81 -12.07 -7.83
N ARG B 133 17.54 -11.66 -7.93
CA ARG B 133 17.16 -10.28 -7.58
C ARG B 133 16.14 -10.24 -6.43
N PRO B 134 16.62 -10.41 -5.17
CA PRO B 134 15.69 -10.58 -4.07
C PRO B 134 14.89 -9.34 -3.61
N THR B 135 15.22 -8.16 -4.13
CA THR B 135 14.45 -6.94 -3.82
C THR B 135 13.72 -6.37 -5.05
N HIS B 136 13.82 -7.09 -6.17
CA HIS B 136 13.25 -6.64 -7.42
C HIS B 136 11.74 -6.39 -7.31
N PHE B 137 10.99 -7.37 -6.81
CA PHE B 137 9.54 -7.25 -6.83
C PHE B 137 8.98 -6.25 -5.82
N ALA B 138 9.67 -6.07 -4.69
CA ALA B 138 9.38 -4.96 -3.76
C ALA B 138 9.34 -3.64 -4.52
N GLY B 139 10.36 -3.41 -5.36
CA GLY B 139 10.44 -2.21 -6.20
C GLY B 139 9.27 -2.12 -7.19
N VAL B 140 9.03 -3.19 -7.92
CA VAL B 140 7.91 -3.26 -8.84
C VAL B 140 6.55 -3.00 -8.14
N LEU B 141 6.25 -3.74 -7.07
CA LEU B 141 4.95 -3.52 -6.41
C LEU B 141 4.80 -2.12 -5.86
N THR B 142 5.88 -1.55 -5.30
CA THR B 142 5.82 -0.16 -4.78
C THR B 142 5.46 0.84 -5.87
N VAL B 143 6.16 0.78 -6.99
CA VAL B 143 5.89 1.72 -8.07
C VAL B 143 4.52 1.49 -8.70
N VAL B 144 4.12 0.24 -8.88
CA VAL B 144 2.81 -0.03 -9.47
C VAL B 144 1.74 0.46 -8.53
N LEU B 145 1.89 0.22 -7.23
CA LEU B 145 0.89 0.75 -6.26
C LEU B 145 0.79 2.29 -6.39
N LYS B 146 1.93 2.97 -6.43
CA LYS B 146 1.93 4.43 -6.64
C LYS B 146 1.22 4.85 -7.93
N LEU B 147 1.52 4.21 -9.05
CA LEU B 147 0.86 4.57 -10.32
C LEU B 147 -0.64 4.33 -10.28
N LEU B 148 -1.04 3.27 -9.61
CA LEU B 148 -2.48 2.99 -9.44
C LEU B 148 -3.21 4.07 -8.62
N GLN B 149 -2.54 4.59 -7.61
CA GLN B 149 -3.12 5.65 -6.77
C GLN B 149 -3.15 7.00 -7.47
N ILE B 150 -2.10 7.29 -8.26
CA ILE B 150 -2.04 8.51 -9.06
C ILE B 150 -3.09 8.58 -10.18
N VAL B 151 -3.13 7.55 -11.02
CA VAL B 151 -4.02 7.46 -12.19
C VAL B 151 -5.45 6.97 -11.86
N ARG B 152 -5.57 6.13 -10.83
CA ARG B 152 -6.83 5.48 -10.46
C ARG B 152 -7.55 4.95 -11.70
N PRO B 153 -6.92 4.02 -12.41
CA PRO B 153 -7.52 3.48 -13.61
C PRO B 153 -8.61 2.48 -13.27
N ASP B 154 -9.53 2.27 -14.19
CA ASP B 154 -10.47 1.15 -14.09
C ASP B 154 -9.81 -0.20 -14.34
N ARG B 155 -8.90 -0.26 -15.33
CA ARG B 155 -8.19 -1.48 -15.62
C ARG B 155 -6.69 -1.17 -15.77
N VAL B 156 -5.85 -2.12 -15.35
CA VAL B 156 -4.38 -1.97 -15.53
C VAL B 156 -3.85 -3.19 -16.32
N PHE B 157 -2.97 -2.95 -17.29
CA PHE B 157 -2.54 -4.00 -18.26
C PHE B 157 -1.07 -4.43 -18.08
N PHE B 158 -0.84 -5.74 -17.95
CA PHE B 158 0.52 -6.28 -17.84
C PHE B 158 0.69 -7.46 -18.81
N GLY B 159 1.90 -7.68 -19.30
CA GLY B 159 2.13 -8.78 -20.24
C GLY B 159 2.39 -10.08 -19.52
N GLU B 160 1.93 -11.20 -20.12
CA GLU B 160 2.19 -12.54 -19.57
C GLU B 160 3.65 -12.87 -19.69
N LYS B 161 4.35 -12.13 -20.54
CA LYS B 161 5.82 -12.25 -20.67
C LYS B 161 6.50 -12.30 -19.29
N ASP B 162 6.09 -11.40 -18.41
CA ASP B 162 6.62 -11.34 -17.08
C ASP B 162 5.55 -11.91 -16.20
N TYR B 163 5.39 -13.24 -16.25
CA TYR B 163 4.25 -13.92 -15.61
C TYR B 163 4.27 -13.78 -14.07
N GLN B 164 5.46 -13.88 -13.49
CA GLN B 164 5.63 -13.81 -12.05
C GLN B 164 5.32 -12.41 -11.57
N GLN B 165 5.80 -11.41 -12.31
CA GLN B 165 5.36 -10.04 -12.09
C GLN B 165 3.82 -9.91 -12.10
N LEU B 166 3.18 -10.47 -13.11
CA LEU B 166 1.72 -10.37 -13.25
C LEU B 166 1.00 -11.01 -12.05
N VAL B 167 1.48 -12.18 -11.66
CA VAL B 167 0.90 -12.90 -10.53
C VAL B 167 1.05 -12.07 -9.27
N LEU B 168 2.20 -11.44 -9.08
CA LEU B 168 2.44 -10.66 -7.84
C LEU B 168 1.62 -9.38 -7.83
N ILE B 169 1.41 -8.79 -9.00
CA ILE B 169 0.47 -7.66 -9.10
C ILE B 169 -0.99 -8.07 -8.75
N ARG B 170 -1.44 -9.23 -9.22
CA ARG B 170 -2.75 -9.75 -8.78
C ARG B 170 -2.77 -9.94 -7.24
N GLN B 171 -1.67 -10.44 -6.64
CA GLN B 171 -1.61 -10.54 -5.15
C GLN B 171 -1.68 -9.17 -4.47
N LEU B 172 -0.90 -8.20 -4.97
CA LEU B 172 -1.04 -6.81 -4.51
C LEU B 172 -2.48 -6.31 -4.52
N VAL B 173 -3.14 -6.43 -5.66
CA VAL B 173 -4.50 -5.91 -5.85
C VAL B 173 -5.49 -6.61 -4.89
N ALA B 174 -5.38 -7.93 -4.76
CA ALA B 174 -6.22 -8.69 -3.82
C ALA B 174 -5.97 -8.29 -2.35
N ASP B 175 -4.69 -8.31 -1.95
CA ASP B 175 -4.32 -8.12 -0.55
C ASP B 175 -4.57 -6.73 -0.03
N PHE B 176 -4.45 -5.72 -0.91
CA PHE B 176 -4.67 -4.35 -0.47
C PHE B 176 -6.05 -3.84 -0.87
N ASN B 177 -6.90 -4.72 -1.39
CA ASN B 177 -8.32 -4.40 -1.71
C ASN B 177 -8.45 -3.29 -2.74
N LEU B 178 -7.51 -3.25 -3.69
CA LEU B 178 -7.50 -2.21 -4.73
C LEU B 178 -8.67 -2.38 -5.69
N ASP B 179 -9.31 -1.27 -6.02
CA ASP B 179 -10.49 -1.33 -6.88
C ASP B 179 -10.07 -1.13 -8.34
N VAL B 180 -9.38 -2.11 -8.92
CA VAL B 180 -8.90 -2.05 -10.32
C VAL B 180 -8.93 -3.49 -10.82
N ALA B 181 -9.26 -3.70 -12.10
CA ALA B 181 -9.12 -4.99 -12.75
C ALA B 181 -7.70 -5.12 -13.33
N VAL B 182 -7.05 -6.25 -13.10
CA VAL B 182 -5.72 -6.51 -13.66
C VAL B 182 -5.90 -7.34 -14.94
N VAL B 183 -5.39 -6.86 -16.07
CA VAL B 183 -5.62 -7.60 -17.32
C VAL B 183 -4.25 -8.07 -17.79
N GLY B 184 -4.07 -9.39 -17.88
CA GLY B 184 -2.83 -9.91 -18.46
C GLY B 184 -2.95 -10.16 -19.95
N VAL B 185 -1.95 -9.73 -20.71
CA VAL B 185 -2.02 -9.74 -22.18
C VAL B 185 -1.03 -10.77 -22.75
N PRO B 186 -1.48 -11.66 -23.67
CA PRO B 186 -0.54 -12.68 -24.17
C PRO B 186 0.80 -12.12 -24.67
N THR B 187 1.87 -12.88 -24.43
CA THR B 187 3.21 -12.58 -24.94
C THR B 187 3.28 -12.43 -26.46
N VAL B 188 3.85 -11.33 -26.93
CA VAL B 188 4.08 -11.10 -28.35
C VAL B 188 5.44 -11.73 -28.71
N ARG B 189 5.50 -12.47 -29.83
CA ARG B 189 6.69 -13.23 -30.17
C ARG B 189 7.19 -12.89 -31.57
N GLU B 190 8.48 -13.13 -31.80
CA GLU B 190 9.03 -12.97 -33.13
C GLU B 190 8.52 -14.13 -33.99
N ALA B 191 8.83 -14.09 -35.29
CA ALA B 191 8.32 -15.10 -36.21
C ALA B 191 8.69 -16.53 -35.83
N ASP B 192 9.83 -16.72 -35.17
CA ASP B 192 10.21 -18.10 -34.79
C ASP B 192 9.79 -18.51 -33.39
N GLY B 193 9.02 -17.64 -32.71
CA GLY B 193 8.56 -17.88 -31.35
C GLY B 193 9.33 -17.20 -30.22
N LEU B 194 10.52 -16.67 -30.49
CA LEU B 194 11.24 -15.94 -29.44
C LEU B 194 10.40 -14.78 -28.87
N ALA B 195 10.23 -14.73 -27.56
CA ALA B 195 9.41 -13.70 -26.95
C ALA B 195 10.07 -12.33 -27.19
N MET B 196 9.30 -11.32 -27.64
CA MET B 196 9.91 -9.99 -27.90
C MET B 196 10.40 -9.35 -26.62
N SER B 197 11.62 -8.83 -26.70
CA SER B 197 12.29 -8.16 -25.62
C SER B 197 13.35 -7.27 -26.25
N SER B 198 13.59 -6.13 -25.62
CA SER B 198 14.70 -5.25 -26.04
C SER B 198 16.07 -5.95 -25.92
N ARG B 199 16.17 -6.93 -25.03
CA ARG B 199 17.42 -7.68 -24.87
C ARG B 199 17.82 -8.53 -26.08
N ASN B 200 16.84 -8.90 -26.91
CA ASN B 200 17.13 -9.77 -28.04
C ASN B 200 18.14 -9.19 -29.01
N ARG B 201 18.17 -7.86 -29.13
CA ARG B 201 19.07 -7.20 -30.09
C ARG B 201 20.53 -7.36 -29.67
N TYR B 202 20.76 -7.67 -28.39
CA TYR B 202 22.12 -7.90 -27.91
C TYR B 202 22.70 -9.25 -28.33
N LEU B 203 21.85 -10.12 -28.85
CA LEU B 203 22.28 -11.48 -29.20
C LEU B 203 23.01 -11.53 -30.54
N ASP B 204 24.17 -12.17 -30.53
CA ASP B 204 24.88 -12.47 -31.76
C ASP B 204 24.14 -13.53 -32.56
N PRO B 205 24.54 -13.74 -33.84
CA PRO B 205 23.71 -14.64 -34.66
C PRO B 205 23.58 -16.06 -34.10
N ALA B 206 24.67 -16.62 -33.57
CA ALA B 206 24.65 -17.94 -32.93
C ALA B 206 23.73 -17.96 -31.70
N GLN B 207 23.84 -16.96 -30.84
CA GLN B 207 23.00 -16.87 -29.65
C GLN B 207 21.54 -16.70 -30.02
N ARG B 208 21.28 -15.91 -31.04
CA ARG B 208 19.92 -15.62 -31.44
C ARG B 208 19.32 -16.88 -32.02
N ALA B 209 20.13 -17.68 -32.72
CA ALA B 209 19.68 -18.99 -33.21
C ALA B 209 19.36 -19.95 -32.05
N ALA B 210 20.25 -20.02 -31.08
CA ALA B 210 20.07 -20.92 -29.92
C ALA B 210 18.88 -20.48 -29.03
N ALA B 211 18.60 -19.18 -28.99
CA ALA B 211 17.57 -18.57 -28.14
C ALA B 211 16.16 -19.09 -28.45
N VAL B 212 15.95 -19.57 -29.69
CA VAL B 212 14.66 -20.15 -30.09
C VAL B 212 14.29 -21.38 -29.21
N ALA B 213 15.29 -22.02 -28.62
CA ALA B 213 15.08 -23.20 -27.79
C ALA B 213 14.20 -22.97 -26.58
N LEU B 214 14.20 -21.75 -26.02
CA LEU B 214 13.33 -21.49 -24.86
C LEU B 214 11.86 -21.65 -25.26
N SER B 215 11.46 -20.98 -26.32
CA SER B 215 10.06 -21.03 -26.77
C SER B 215 9.72 -22.42 -27.33
N ALA B 216 10.61 -22.97 -28.16
CA ALA B 216 10.47 -24.36 -28.65
C ALA B 216 10.34 -25.39 -27.52
N ALA B 217 11.14 -25.23 -26.48
CA ALA B 217 11.07 -26.13 -25.33
C ALA B 217 9.70 -26.06 -24.67
N LEU B 218 9.18 -24.85 -24.53
CA LEU B 218 7.91 -24.64 -23.82
C LEU B 218 6.70 -25.12 -24.61
N THR B 219 6.67 -24.83 -25.90
CA THR B 219 5.57 -25.30 -26.76
C THR B 219 5.62 -26.82 -26.92
N ALA B 220 6.81 -27.39 -26.95
CA ALA B 220 6.94 -28.84 -26.97
C ALA B 220 6.30 -29.43 -25.71
N ALA B 221 6.66 -28.85 -24.57
CA ALA B 221 6.12 -29.29 -23.26
C ALA B 221 4.62 -29.20 -23.21
N ALA B 222 4.06 -28.10 -23.74
CA ALA B 222 2.63 -27.88 -23.71
C ALA B 222 1.90 -28.99 -24.45
N HIS B 223 2.55 -29.47 -25.52
CA HIS B 223 2.00 -30.56 -26.33
C HIS B 223 2.33 -31.95 -25.79
N ALA B 224 3.50 -32.10 -25.17
CA ALA B 224 3.85 -33.34 -24.47
C ALA B 224 2.94 -33.62 -23.26
N ALA B 225 2.33 -32.57 -22.72
CA ALA B 225 1.63 -32.67 -21.42
C ALA B 225 0.37 -33.57 -21.41
N THR B 226 -0.16 -33.93 -22.57
CA THR B 226 -1.22 -34.97 -22.64
C THR B 226 -0.71 -36.26 -22.03
N ALA B 227 0.60 -36.48 -22.12
CA ALA B 227 1.23 -37.62 -21.50
C ALA B 227 1.68 -37.37 -20.03
N GLY B 228 1.25 -36.26 -19.43
CA GLY B 228 1.58 -35.96 -18.00
C GLY B 228 2.71 -34.96 -17.75
N ALA B 229 2.95 -34.70 -16.47
CA ALA B 229 3.78 -33.61 -16.01
C ALA B 229 5.24 -33.90 -16.27
N GLN B 230 5.65 -35.13 -15.94
CA GLN B 230 7.01 -35.52 -16.18
C GLN B 230 7.37 -35.55 -17.68
N ALA B 231 6.43 -35.98 -18.54
CA ALA B 231 6.73 -35.97 -19.98
C ALA B 231 6.89 -34.55 -20.49
N ALA B 232 6.12 -33.61 -19.95
CA ALA B 232 6.22 -32.21 -20.35
C ALA B 232 7.58 -31.64 -19.98
N LEU B 233 7.98 -31.87 -18.73
CA LEU B 233 9.28 -31.41 -18.25
C LEU B 233 10.44 -32.03 -19.00
N ASP B 234 10.36 -33.31 -19.31
CA ASP B 234 11.45 -33.99 -20.00
C ASP B 234 11.59 -33.52 -21.45
N ALA B 235 10.45 -33.30 -22.12
CA ALA B 235 10.43 -32.73 -23.45
C ALA B 235 11.12 -31.34 -23.50
N ALA B 236 10.76 -30.46 -22.56
CA ALA B 236 11.37 -29.13 -22.51
C ALA B 236 12.86 -29.23 -22.24
N ARG B 237 13.25 -30.08 -21.30
CA ARG B 237 14.67 -30.23 -20.96
C ARG B 237 15.46 -30.76 -22.14
N ALA B 238 14.90 -31.73 -22.87
CA ALA B 238 15.56 -32.26 -24.07
C ALA B 238 15.75 -31.16 -25.10
N VAL B 239 14.75 -30.33 -25.32
CA VAL B 239 14.89 -29.25 -26.30
C VAL B 239 16.03 -28.26 -25.87
N LEU B 240 16.04 -27.88 -24.61
CA LEU B 240 17.10 -27.02 -24.08
C LEU B 240 18.47 -27.70 -24.12
N ASP B 241 18.51 -29.00 -23.82
CA ASP B 241 19.74 -29.79 -23.95
C ASP B 241 20.30 -29.85 -25.38
N ALA B 242 19.46 -29.57 -26.37
CA ALA B 242 19.92 -29.58 -27.77
C ALA B 242 20.53 -28.26 -28.24
N ALA B 243 20.52 -27.23 -27.36
CA ALA B 243 21.07 -25.91 -27.72
C ALA B 243 22.42 -25.67 -27.08
N PRO B 244 23.37 -25.10 -27.86
CA PRO B 244 24.70 -24.80 -27.31
C PRO B 244 24.65 -23.40 -26.70
N GLY B 245 25.42 -23.20 -25.65
CA GLY B 245 25.60 -21.89 -25.01
C GLY B 245 24.36 -21.36 -24.30
N VAL B 246 23.44 -22.25 -23.92
CA VAL B 246 22.24 -21.83 -23.21
C VAL B 246 22.31 -22.37 -21.77
N ALA B 247 22.60 -21.47 -20.83
CA ALA B 247 22.76 -21.84 -19.42
C ALA B 247 21.43 -21.67 -18.73
N VAL B 248 20.71 -22.76 -18.51
CA VAL B 248 19.39 -22.70 -17.87
C VAL B 248 19.48 -22.31 -16.37
N ASP B 249 18.85 -21.20 -16.00
CA ASP B 249 18.80 -20.81 -14.58
C ASP B 249 17.69 -21.56 -13.84
N TYR B 250 16.51 -21.67 -14.45
CA TYR B 250 15.46 -22.54 -13.91
C TYR B 250 14.53 -23.00 -15.00
N LEU B 251 13.83 -24.11 -14.73
CA LEU B 251 12.76 -24.60 -15.59
C LEU B 251 11.80 -25.23 -14.59
N GLU B 252 10.65 -24.61 -14.39
CA GLU B 252 9.75 -25.06 -13.33
C GLU B 252 8.32 -25.01 -13.80
N LEU B 253 7.58 -26.07 -13.48
CA LEU B 253 6.15 -26.13 -13.68
C LEU B 253 5.45 -25.91 -12.33
N ARG B 254 4.52 -24.96 -12.31
CA ARG B 254 3.83 -24.56 -11.13
C ARG B 254 2.36 -24.45 -11.48
N ASP B 255 1.51 -24.23 -10.49
CA ASP B 255 0.09 -23.97 -10.80
C ASP B 255 -0.03 -22.56 -11.32
N ILE B 256 -1.23 -22.16 -11.76
CA ILE B 256 -1.30 -20.88 -12.45
C ILE B 256 -1.03 -19.66 -11.54
N GLY B 257 -1.16 -19.84 -10.22
CA GLY B 257 -0.82 -18.76 -9.28
C GLY B 257 0.59 -18.89 -8.75
N LEU B 258 1.35 -19.78 -9.37
CA LEU B 258 2.77 -20.07 -9.05
C LEU B 258 3.02 -20.84 -7.74
N GLY B 259 1.98 -21.49 -7.24
CA GLY B 259 2.14 -22.49 -6.18
C GLY B 259 2.62 -23.82 -6.75
N PRO B 260 2.70 -24.86 -5.91
CA PRO B 260 3.13 -26.19 -6.34
C PRO B 260 2.19 -26.71 -7.43
N MET B 261 2.75 -27.39 -8.42
CA MET B 261 1.90 -27.99 -9.46
C MET B 261 1.00 -29.09 -8.87
N PRO B 262 -0.32 -28.97 -9.11
CA PRO B 262 -1.25 -30.06 -8.75
C PRO B 262 -1.08 -31.25 -9.70
N LEU B 263 -1.64 -32.39 -9.33
CA LEU B 263 -1.41 -33.61 -10.10
C LEU B 263 -1.98 -33.56 -11.52
N ASN B 264 -3.14 -32.93 -11.66
CA ASN B 264 -3.72 -32.63 -12.97
C ASN B 264 -4.21 -31.18 -13.02
N GLY B 265 -4.81 -30.77 -14.14
CA GLY B 265 -5.37 -29.41 -14.23
C GLY B 265 -4.37 -28.42 -14.82
N SER B 266 -4.68 -27.14 -14.68
CA SER B 266 -3.92 -26.08 -15.34
C SER B 266 -2.62 -25.75 -14.63
N GLY B 267 -1.60 -25.43 -15.41
CA GLY B 267 -0.31 -25.08 -14.85
C GLY B 267 0.34 -23.99 -15.67
N ARG B 268 1.51 -23.57 -15.22
CA ARG B 268 2.37 -22.68 -15.99
C ARG B 268 3.79 -23.23 -15.95
N LEU B 269 4.46 -23.23 -17.11
CA LEU B 269 5.87 -23.68 -17.17
C LEU B 269 6.70 -22.46 -17.47
N LEU B 270 7.74 -22.24 -16.65
CA LEU B 270 8.52 -21.02 -16.76
C LEU B 270 9.98 -21.39 -16.91
N VAL B 271 10.67 -20.63 -17.75
CA VAL B 271 12.10 -20.88 -17.95
C VAL B 271 12.88 -19.58 -17.91
N ALA B 272 14.12 -19.65 -17.42
CA ALA B 272 15.05 -18.53 -17.53
C ALA B 272 16.42 -19.08 -17.88
N ALA B 273 17.14 -18.39 -18.75
CA ALA B 273 18.42 -18.91 -19.25
C ALA B 273 19.34 -17.77 -19.66
N ARG B 274 20.64 -18.02 -19.63
CA ARG B 274 21.62 -16.99 -19.97
C ARG B 274 22.38 -17.38 -21.21
N LEU B 275 22.46 -16.45 -22.16
CA LEU B 275 23.16 -16.68 -23.40
C LEU B 275 24.21 -15.61 -23.40
N GLY B 276 25.43 -16.01 -23.03
CA GLY B 276 26.52 -15.05 -22.81
C GLY B 276 26.14 -14.14 -21.66
N THR B 277 26.15 -12.84 -21.88
CA THR B 277 25.75 -11.92 -20.82
C THR B 277 24.23 -11.63 -20.75
N THR B 278 23.47 -12.13 -21.72
CA THR B 278 22.06 -11.77 -21.88
C THR B 278 21.13 -12.81 -21.26
N ARG B 279 20.24 -12.38 -20.36
CA ARG B 279 19.35 -13.30 -19.65
C ARG B 279 17.96 -13.16 -20.27
N LEU B 280 17.38 -14.30 -20.63
CA LEU B 280 16.10 -14.35 -21.31
C LEU B 280 15.11 -15.15 -20.47
N LEU B 281 13.84 -14.78 -20.57
CA LEU B 281 12.79 -15.51 -19.81
C LEU B 281 11.67 -15.92 -20.74
N ASP B 282 10.96 -16.99 -20.41
CA ASP B 282 9.76 -17.31 -21.16
C ASP B 282 8.90 -18.17 -20.26
N ASN B 283 7.64 -18.30 -20.64
CA ASN B 283 6.69 -19.12 -19.90
C ASN B 283 5.50 -19.45 -20.80
N ILE B 284 4.72 -20.45 -20.41
CA ILE B 284 3.59 -20.88 -21.23
C ILE B 284 2.57 -21.58 -20.36
N ALA B 285 1.29 -21.43 -20.71
CA ALA B 285 0.20 -22.27 -20.13
C ALA B 285 0.36 -23.75 -20.47
N ILE B 286 0.10 -24.58 -19.47
CA ILE B 286 0.17 -26.01 -19.59
C ILE B 286 -1.12 -26.61 -19.00
N GLU B 287 -1.59 -27.70 -19.58
CA GLU B 287 -2.76 -28.39 -19.07
C GLU B 287 -2.34 -29.82 -18.86
N ILE B 288 -2.31 -30.28 -17.61
CA ILE B 288 -1.70 -31.57 -17.32
C ILE B 288 -2.67 -32.73 -17.56
N GLY B 289 -2.31 -33.57 -18.53
CA GLY B 289 -3.17 -34.64 -19.03
C GLY B 289 -4.07 -34.10 -20.11
#